data_6T0P
#
_entry.id   6T0P
#
_cell.length_a   54.568
_cell.length_b   56.684
_cell.length_c   66.647
_cell.angle_alpha   90.000
_cell.angle_beta   90.000
_cell.angle_gamma   90.000
#
_symmetry.space_group_name_H-M   'P 21 21 21'
#
loop_
_entity.id
_entity.type
_entity.pdbx_description
1 polymer 'Cationic Trypsin'
2 non-polymer 'CALCIUM ION'
3 non-polymer 'DIMETHYL SULFOXIDE'
4 non-polymer (2~{S})-1-[(2~{R})-2-azanyl-3-phenyl-propanoyl]-~{N}-[(2-azanylpyridin-4-yl)methyl]pyrrolidine-2-carboxamide
5 non-polymer 'SULFATE ION'
6 water water
#
_entity_poly.entity_id   1
_entity_poly.type   'polypeptide(L)'
_entity_poly.pdbx_seq_one_letter_code
;MKTFIFLALLGAAVAFPVDDDDKIVGGYTCGANTVPYQVSLNSGYHFCGGSLINSQWVVSAAHCYKSGIQVRLGEDNINV
VEGNEQFISASKSIVHPSYNSNTLNNDIMLIKLKSAASLNSRVASISLPTSCASAGTQCLISGWGNTKSSGTSYPDVLKC
LKAPILSDSSCKSAYPGQITSNMFCAGYLEGGKDSCQGDSGGPVVCSGKLQGIVSWGSGCAQKNKPGVYTKVCNYVSWIK
QTIASN
;
_entity_poly.pdbx_strand_id   A
#
loop_
_chem_comp.id
_chem_comp.type
_chem_comp.name
_chem_comp.formula
CA non-polymer 'CALCIUM ION' 'Ca 2'
DMS non-polymer 'DIMETHYL SULFOXIDE' 'C2 H6 O S'
M6Q non-polymer (2~{S})-1-[(2~{R})-2-azanyl-3-phenyl-propanoyl]-~{N}-[(2-azanylpyridin-4-yl)methyl]pyrrolidine-2-carboxamide 'C20 H25 N5 O2'
SO4 non-polymer 'SULFATE ION' 'O4 S -2'
#
# COMPACT_ATOMS: atom_id res chain seq x y z
N ILE A 24 -7.76 7.32 -3.83
CA ILE A 24 -8.44 7.46 -2.54
C ILE A 24 -9.74 8.24 -2.74
N VAL A 25 -10.87 7.66 -2.34
CA VAL A 25 -12.18 8.29 -2.43
C VAL A 25 -12.56 8.79 -1.06
N GLY A 26 -13.02 10.03 -0.97
CA GLY A 26 -13.51 10.55 0.29
C GLY A 26 -12.44 10.91 1.29
N GLY A 27 -11.21 11.07 0.85
CA GLY A 27 -10.10 11.39 1.71
C GLY A 27 -9.76 12.86 1.66
N TYR A 28 -8.47 13.16 1.89
CA TYR A 28 -8.01 14.53 1.99
C TYR A 28 -6.59 14.63 1.43
N THR A 29 -6.20 15.85 1.07
CA THR A 29 -4.83 16.09 0.64
C THR A 29 -3.89 15.95 1.83
N CYS A 30 -2.92 15.04 1.72
CA CYS A 30 -2.05 14.73 2.86
C CYS A 30 -1.25 15.95 3.30
N GLY A 31 -0.70 16.69 2.34
CA GLY A 31 0.33 17.67 2.61
C GLY A 31 1.67 17.14 2.16
N ALA A 32 2.46 17.96 1.47
CA ALA A 32 3.67 17.46 0.82
C ALA A 32 4.60 16.80 1.82
N ASN A 33 4.99 15.56 1.49
CA ASN A 33 6.03 14.80 2.19
C ASN A 33 5.68 14.50 3.65
N THR A 34 4.40 14.55 4.01
CA THR A 34 3.95 14.14 5.34
C THR A 34 3.77 12.63 5.47
N VAL A 35 3.91 11.89 4.37
CA VAL A 35 3.88 10.43 4.34
C VAL A 35 5.19 10.00 3.69
N PRO A 36 6.32 10.14 4.38
CA PRO A 36 7.62 10.10 3.68
C PRO A 36 8.06 8.71 3.26
N TYR A 37 7.35 7.68 3.66
CA TYR A 37 7.57 6.30 3.25
C TYR A 37 6.75 5.92 2.02
N GLN A 38 5.84 6.79 1.56
CA GLN A 38 5.03 6.48 0.38
C GLN A 38 5.88 6.61 -0.87
N VAL A 39 5.83 5.60 -1.75
CA VAL A 39 6.51 5.66 -3.03
C VAL A 39 5.46 5.58 -4.15
N SER A 40 5.84 6.11 -5.31
CA SER A 40 5.13 5.90 -6.57
C SER A 40 5.97 4.98 -7.45
N LEU A 41 5.34 3.94 -7.98
CA LEU A 41 6.00 3.07 -8.96
C LEU A 41 5.62 3.59 -10.34
N ASN A 42 6.63 3.80 -11.18
CA ASN A 42 6.47 4.47 -12.46
C ASN A 42 7.05 3.59 -13.57
N SER A 43 6.26 3.37 -14.62
CA SER A 43 6.68 2.64 -15.81
C SER A 43 6.37 3.47 -17.04
N GLY A 44 6.74 4.75 -17.00
CA GLY A 44 6.29 5.72 -17.97
C GLY A 44 5.15 6.58 -17.47
N TYR A 45 4.54 6.17 -16.37
CA TYR A 45 3.37 6.74 -15.74
C TYR A 45 3.26 6.07 -14.38
N HIS A 46 2.62 6.74 -13.43
CA HIS A 46 2.34 6.14 -12.14
C HIS A 46 1.36 4.99 -12.33
N PHE A 47 1.67 3.83 -11.75
CA PHE A 47 0.74 2.71 -11.83
C PHE A 47 0.44 2.04 -10.50
N CYS A 48 1.21 2.29 -9.45
CA CYS A 48 0.97 1.65 -8.17
C CYS A 48 1.73 2.44 -7.11
N GLY A 49 1.31 2.26 -5.86
CA GLY A 49 2.07 2.71 -4.73
C GLY A 49 2.96 1.63 -4.16
N GLY A 50 3.66 2.02 -3.10
CA GLY A 50 4.52 1.12 -2.35
C GLY A 50 4.98 1.84 -1.10
N SER A 51 5.73 1.11 -0.27
CA SER A 51 6.21 1.60 1.01
C SER A 51 7.69 1.32 1.14
N LEU A 52 8.47 2.35 1.48
CA LEU A 52 9.91 2.18 1.70
C LEU A 52 10.13 1.60 3.10
N ILE A 53 10.75 0.41 3.17
CA ILE A 53 10.96 -0.27 4.45
C ILE A 53 12.41 -0.17 4.94
N ASN A 54 13.34 0.17 4.08
CA ASN A 54 14.71 0.54 4.45
C ASN A 54 15.28 1.23 3.22
N SER A 55 16.55 1.61 3.28
CA SER A 55 17.10 2.41 2.20
C SER A 55 17.16 1.68 0.86
N GLN A 56 17.02 0.35 0.84
CA GLN A 56 17.18 -0.41 -0.38
C GLN A 56 15.95 -1.19 -0.83
N TRP A 57 14.86 -1.18 -0.06
CA TRP A 57 13.73 -2.08 -0.34
C TRP A 57 12.39 -1.39 -0.19
N VAL A 58 11.49 -1.74 -1.11
CA VAL A 58 10.11 -1.31 -1.13
C VAL A 58 9.21 -2.53 -1.05
N VAL A 59 8.13 -2.42 -0.27
CA VAL A 59 7.04 -3.39 -0.23
C VAL A 59 5.88 -2.86 -1.06
N SER A 60 5.34 -3.70 -1.94
CA SER A 60 4.15 -3.35 -2.72
C SER A 60 3.27 -4.59 -2.80
N ALA A 61 2.24 -4.52 -3.65
CA ALA A 61 1.36 -5.65 -3.90
C ALA A 61 1.92 -6.49 -5.03
N ALA A 62 1.75 -7.81 -4.93
CA ALA A 62 2.14 -8.69 -6.03
C ALA A 62 1.39 -8.36 -7.32
N HIS A 63 0.14 -7.92 -7.21
CA HIS A 63 -0.61 -7.60 -8.43
C HIS A 63 -0.06 -6.35 -9.13
N CYS A 64 0.87 -5.63 -8.50
CA CYS A 64 1.59 -4.53 -9.13
C CYS A 64 2.82 -4.98 -9.91
N TYR A 65 3.14 -6.26 -9.92
CA TYR A 65 4.34 -6.70 -10.62
C TYR A 65 4.30 -6.30 -12.09
N LYS A 66 5.43 -5.79 -12.56
CA LYS A 66 5.71 -5.67 -13.99
C LYS A 66 7.20 -5.43 -14.11
N SER A 67 7.71 -5.57 -15.33
CA SER A 67 9.11 -5.23 -15.58
C SER A 67 9.26 -3.73 -15.82
N GLY A 68 10.49 -3.24 -15.68
CA GLY A 68 10.79 -1.85 -15.99
C GLY A 68 10.28 -0.84 -14.97
N ILE A 69 10.38 -1.16 -13.70
CA ILE A 69 9.87 -0.28 -12.64
C ILE A 69 10.94 0.74 -12.25
N GLN A 70 10.55 2.01 -12.19
CA GLN A 70 11.32 3.04 -11.51
C GLN A 70 10.58 3.42 -10.23
N VAL A 71 11.29 3.40 -9.13
CA VAL A 71 10.75 3.81 -7.84
C VAL A 71 10.95 5.31 -7.67
N ARG A 72 9.87 6.00 -7.31
CA ARG A 72 9.92 7.46 -7.13
C ARG A 72 9.60 7.78 -5.67
N LEU A 73 10.61 8.27 -4.97
N LEU A 73 10.60 8.28 -4.96
CA LEU A 73 10.57 8.62 -3.56
CA LEU A 73 10.54 8.61 -3.55
C LEU A 73 10.46 10.13 -3.42
C LEU A 73 10.50 10.13 -3.40
N GLY A 74 9.98 10.59 -2.26
CA GLY A 74 9.90 12.02 -1.99
C GLY A 74 8.89 12.77 -2.80
N GLU A 75 7.91 12.08 -3.36
CA GLU A 75 6.91 12.69 -4.23
C GLU A 75 5.77 13.33 -3.45
N ASP A 76 5.32 14.47 -3.96
CA ASP A 76 3.97 14.96 -3.66
C ASP A 76 3.20 15.05 -4.98
N ASN A 77 3.43 16.09 -5.79
CA ASN A 77 2.83 16.15 -7.11
C ASN A 77 3.63 15.24 -8.05
N ILE A 78 3.01 14.15 -8.51
CA ILE A 78 3.74 13.20 -9.36
C ILE A 78 3.94 13.68 -10.79
N ASN A 79 3.36 14.82 -11.17
CA ASN A 79 3.54 15.36 -12.51
C ASN A 79 4.50 16.54 -12.57
N VAL A 80 5.04 16.98 -11.43
CA VAL A 80 5.93 18.14 -11.36
C VAL A 80 7.15 17.77 -10.52
N VAL A 81 8.34 18.09 -11.00
CA VAL A 81 9.56 17.94 -10.20
C VAL A 81 9.61 19.13 -9.24
N GLU A 82 9.40 18.85 -7.94
CA GLU A 82 9.30 19.88 -6.91
C GLU A 82 10.57 20.05 -6.09
N GLY A 83 11.53 19.13 -6.22
CA GLY A 83 12.85 19.30 -5.65
C GLY A 83 13.23 18.35 -4.54
N ASN A 84 12.33 17.47 -4.09
CA ASN A 84 12.66 16.53 -3.02
C ASN A 84 12.64 15.08 -3.48
N GLU A 85 12.45 14.83 -4.76
CA GLU A 85 12.34 13.48 -5.27
C GLU A 85 13.68 12.78 -5.36
N GLN A 86 13.61 11.45 -5.27
CA GLN A 86 14.68 10.56 -5.72
C GLN A 86 14.05 9.53 -6.63
N PHE A 87 14.60 9.40 -7.84
CA PHE A 87 14.15 8.43 -8.84
C PHE A 87 15.20 7.34 -8.94
N ILE A 88 14.83 6.11 -8.61
CA ILE A 88 15.78 5.00 -8.55
C ILE A 88 15.16 3.78 -9.22
N SER A 89 15.85 3.24 -10.22
CA SER A 89 15.34 2.05 -10.89
C SER A 89 15.39 0.84 -9.97
N ALA A 90 14.44 -0.07 -10.17
CA ALA A 90 14.50 -1.36 -9.49
C ALA A 90 15.56 -2.25 -10.13
N SER A 91 16.30 -2.97 -9.30
CA SER A 91 17.22 -3.99 -9.80
C SER A 91 16.62 -5.39 -9.77
N LYS A 92 15.62 -5.62 -8.94
CA LYS A 92 15.01 -6.94 -8.82
C LYS A 92 13.65 -6.75 -8.19
N SER A 93 12.71 -7.61 -8.59
N SER A 93 12.71 -7.60 -8.59
CA SER A 93 11.43 -7.72 -7.92
CA SER A 93 11.45 -7.72 -7.88
C SER A 93 11.23 -9.17 -7.51
C SER A 93 11.25 -9.18 -7.50
N ILE A 94 10.62 -9.38 -6.35
CA ILE A 94 10.39 -10.72 -5.80
C ILE A 94 8.92 -10.77 -5.37
N VAL A 95 8.11 -11.44 -6.18
CA VAL A 95 6.72 -11.70 -5.81
C VAL A 95 6.69 -12.85 -4.83
N HIS A 96 5.79 -12.77 -3.86
CA HIS A 96 5.70 -13.83 -2.87
C HIS A 96 5.53 -15.19 -3.55
N PRO A 97 6.24 -16.23 -3.09
CA PRO A 97 6.18 -17.52 -3.79
C PRO A 97 4.78 -18.11 -3.87
N SER A 98 3.91 -17.80 -2.91
CA SER A 98 2.57 -18.35 -2.85
C SER A 98 1.49 -17.41 -3.34
N TYR A 99 1.86 -16.30 -3.97
CA TYR A 99 0.85 -15.40 -4.51
C TYR A 99 -0.04 -16.12 -5.49
N ASN A 100 -1.35 -15.97 -5.31
CA ASN A 100 -2.35 -16.54 -6.21
C ASN A 100 -3.10 -15.38 -6.84
N SER A 101 -2.90 -15.17 -8.14
CA SER A 101 -3.47 -14.00 -8.80
C SER A 101 -4.98 -14.12 -9.02
N ASN A 102 -5.57 -15.29 -8.79
CA ASN A 102 -7.01 -15.43 -8.90
C ASN A 102 -7.73 -15.03 -7.63
N THR A 103 -7.17 -15.37 -6.47
CA THR A 103 -7.80 -15.06 -5.19
C THR A 103 -7.18 -13.86 -4.51
N LEU A 104 -6.02 -13.40 -5.01
CA LEU A 104 -5.18 -12.39 -4.40
C LEU A 104 -4.68 -12.79 -3.01
N ASN A 105 -4.69 -14.07 -2.69
CA ASN A 105 -4.03 -14.51 -1.47
C ASN A 105 -2.52 -14.32 -1.59
N ASN A 106 -1.90 -13.80 -0.53
CA ASN A 106 -0.46 -13.52 -0.49
C ASN A 106 -0.07 -12.42 -1.48
N ASP A 107 -0.85 -11.33 -1.50
CA ASP A 107 -0.66 -10.22 -2.45
C ASP A 107 0.40 -9.26 -1.91
N ILE A 108 1.66 -9.69 -2.05
CA ILE A 108 2.80 -8.92 -1.56
C ILE A 108 4.01 -9.19 -2.46
N MET A 109 4.79 -8.14 -2.69
N MET A 109 4.83 -8.15 -2.64
CA MET A 109 6.06 -8.29 -3.37
CA MET A 109 6.01 -8.18 -3.50
C MET A 109 7.07 -7.34 -2.76
C MET A 109 7.06 -7.24 -2.91
N LEU A 110 8.33 -7.65 -2.99
CA LEU A 110 9.46 -6.83 -2.61
C LEU A 110 10.16 -6.33 -3.86
N ILE A 111 10.58 -5.07 -3.82
CA ILE A 111 11.31 -4.42 -4.91
C ILE A 111 12.61 -3.90 -4.35
N LYS A 112 13.73 -4.32 -4.95
CA LYS A 112 15.04 -3.84 -4.55
C LYS A 112 15.48 -2.68 -5.42
N LEU A 113 16.00 -1.65 -4.79
CA LEU A 113 16.51 -0.47 -5.48
C LEU A 113 17.93 -0.71 -5.97
N LYS A 114 18.24 -0.18 -7.16
N LYS A 114 18.23 -0.16 -7.15
CA LYS A 114 19.58 -0.33 -7.71
CA LYS A 114 19.56 -0.29 -7.75
C LYS A 114 20.63 0.39 -6.86
C LYS A 114 20.62 0.43 -6.92
N SER A 115 20.24 1.47 -6.19
CA SER A 115 21.12 2.18 -5.28
C SER A 115 20.30 2.58 -4.06
N ALA A 116 20.98 2.75 -2.93
CA ALA A 116 20.28 3.08 -1.71
C ALA A 116 19.71 4.49 -1.76
N ALA A 117 18.48 4.64 -1.28
CA ALA A 117 17.90 5.96 -1.10
C ALA A 117 18.67 6.72 -0.03
N SER A 118 18.72 8.04 -0.18
N SER A 118 18.70 8.04 -0.18
CA SER A 118 19.24 8.93 0.85
CA SER A 118 19.24 8.93 0.84
C SER A 118 18.08 9.29 1.76
C SER A 118 18.09 9.31 1.77
N LEU A 119 18.14 8.80 3.01
CA LEU A 119 17.05 9.03 3.94
C LEU A 119 17.15 10.42 4.56
N ASN A 120 16.02 11.12 4.64
CA ASN A 120 15.96 12.48 5.13
C ASN A 120 14.52 12.71 5.62
N SER A 121 14.19 13.98 5.94
CA SER A 121 12.86 14.22 6.50
C SER A 121 11.75 13.96 5.50
N ARG A 122 12.06 13.94 4.21
CA ARG A 122 11.05 13.75 3.17
C ARG A 122 11.08 12.36 2.56
N VAL A 123 12.09 11.56 2.89
CA VAL A 123 12.23 10.21 2.38
C VAL A 123 12.66 9.36 3.57
N ALA A 124 11.74 8.55 4.09
CA ALA A 124 11.97 7.85 5.34
C ALA A 124 11.34 6.47 5.26
N SER A 125 11.92 5.52 5.96
CA SER A 125 11.36 4.18 5.99
C SER A 125 10.25 4.05 7.04
N ILE A 126 9.38 3.07 6.80
CA ILE A 126 8.33 2.69 7.74
C ILE A 126 8.67 1.34 8.33
N SER A 127 8.53 1.21 9.65
N SER A 127 8.48 1.20 9.64
CA SER A 127 8.83 -0.02 10.35
CA SER A 127 8.84 -0.02 10.36
C SER A 127 7.85 -1.14 10.00
C SER A 127 7.84 -1.15 10.08
N LEU A 128 8.37 -2.37 9.98
CA LEU A 128 7.52 -3.54 9.88
C LEU A 128 6.89 -3.84 11.24
N PRO A 129 5.73 -4.47 11.24
CA PRO A 129 5.07 -4.76 12.51
C PRO A 129 5.74 -5.92 13.22
N THR A 130 5.59 -5.93 14.54
CA THR A 130 5.95 -7.12 15.31
C THR A 130 4.74 -7.87 15.80
N SER A 131 3.58 -7.25 15.79
CA SER A 131 2.32 -7.91 16.10
C SER A 131 1.30 -7.41 15.10
N CYS A 132 0.21 -8.16 14.98
CA CYS A 132 -0.86 -7.77 14.10
C CYS A 132 -1.70 -6.69 14.77
N ALA A 133 -2.26 -5.79 13.97
CA ALA A 133 -3.09 -4.71 14.51
C ALA A 133 -4.48 -5.23 14.84
N SER A 134 -5.15 -4.50 15.73
N SER A 134 -5.15 -4.50 15.73
CA SER A 134 -6.43 -4.91 16.29
CA SER A 134 -6.43 -4.92 16.27
C SER A 134 -7.61 -4.25 15.59
C SER A 134 -7.60 -4.27 15.53
N ALA A 135 -8.72 -4.98 15.50
CA ALA A 135 -9.96 -4.41 14.99
C ALA A 135 -10.27 -3.14 15.77
N GLY A 136 -10.72 -2.12 15.05
CA GLY A 136 -11.01 -0.84 15.63
C GLY A 136 -9.86 0.15 15.60
N THR A 137 -8.65 -0.31 15.34
CA THR A 137 -7.52 0.62 15.27
C THR A 137 -7.66 1.49 14.03
N GLN A 138 -7.37 2.77 14.20
CA GLN A 138 -7.43 3.72 13.11
C GLN A 138 -6.09 3.74 12.40
N CYS A 139 -6.14 3.66 11.07
CA CYS A 139 -4.95 3.59 10.24
C CYS A 139 -4.99 4.69 9.20
N LEU A 140 -3.85 4.91 8.56
CA LEU A 140 -3.69 5.87 7.49
C LEU A 140 -3.40 5.12 6.20
N ILE A 141 -4.22 5.36 5.19
CA ILE A 141 -4.10 4.79 3.86
C ILE A 141 -3.83 5.93 2.90
N SER A 142 -2.93 5.73 1.94
CA SER A 142 -2.54 6.85 1.08
C SER A 142 -2.24 6.40 -0.34
N GLY A 143 -2.38 7.32 -1.29
CA GLY A 143 -2.06 7.02 -2.66
C GLY A 143 -2.55 8.09 -3.64
N TRP A 144 -2.20 7.84 -4.90
CA TRP A 144 -2.54 8.69 -6.04
C TRP A 144 -3.61 8.06 -6.92
N GLY A 145 -4.42 7.16 -6.36
CA GLY A 145 -5.45 6.49 -7.13
C GLY A 145 -6.69 7.36 -7.35
N ASN A 146 -7.64 6.76 -8.06
CA ASN A 146 -8.90 7.41 -8.42
C ASN A 146 -9.57 7.96 -7.17
N THR A 147 -10.12 9.18 -7.29
CA THR A 147 -10.83 9.82 -6.20
C THR A 147 -12.35 9.77 -6.34
N LYS A 148 -12.87 9.12 -7.37
CA LYS A 148 -14.31 9.02 -7.59
C LYS A 148 -14.80 7.59 -7.39
N SER A 149 -15.96 7.46 -6.73
CA SER A 149 -16.62 6.16 -6.59
C SER A 149 -17.41 5.80 -7.83
N SER A 150 -17.80 6.79 -8.61
CA SER A 150 -18.39 6.59 -9.93
C SER A 150 -17.71 7.58 -10.84
N GLY A 151 -17.14 7.08 -11.91
CA GLY A 151 -16.33 7.88 -12.78
C GLY A 151 -14.88 7.80 -12.39
N THR A 152 -14.12 8.70 -13.00
CA THR A 152 -12.67 8.63 -12.95
C THR A 152 -12.09 10.02 -12.81
N SER A 153 -11.27 10.21 -11.78
CA SER A 153 -10.47 11.43 -11.65
C SER A 153 -9.21 11.06 -10.89
N TYR A 154 -8.06 11.31 -11.49
CA TYR A 154 -6.82 10.94 -10.85
C TYR A 154 -6.08 12.18 -10.37
N PRO A 155 -5.70 12.23 -9.10
CA PRO A 155 -5.08 13.42 -8.54
C PRO A 155 -3.59 13.45 -8.85
N ASP A 156 -3.03 14.64 -8.76
CA ASP A 156 -1.59 14.81 -8.90
C ASP A 156 -0.86 14.77 -7.56
N VAL A 157 -1.48 15.28 -6.50
CA VAL A 157 -0.87 15.30 -5.18
C VAL A 157 -1.38 14.10 -4.37
N LEU A 158 -0.60 13.72 -3.36
CA LEU A 158 -0.91 12.54 -2.58
C LEU A 158 -2.16 12.75 -1.74
N LYS A 159 -3.04 11.76 -1.75
CA LYS A 159 -4.25 11.74 -0.94
C LYS A 159 -4.15 10.73 0.20
N CYS A 160 -4.88 11.03 1.28
CA CYS A 160 -4.83 10.30 2.54
C CYS A 160 -6.25 9.98 2.98
N LEU A 161 -6.38 8.89 3.73
CA LEU A 161 -7.64 8.49 4.32
C LEU A 161 -7.37 7.85 5.67
N LYS A 162 -8.06 8.31 6.69
N LYS A 162 -8.09 8.30 6.70
CA LYS A 162 -8.06 7.63 7.98
CA LYS A 162 -8.08 7.65 7.99
C LYS A 162 -9.22 6.65 8.00
C LYS A 162 -9.23 6.67 8.06
N ALA A 163 -8.94 5.41 8.37
CA ALA A 163 -9.94 4.38 8.32
C ALA A 163 -9.65 3.32 9.38
N PRO A 164 -10.69 2.76 10.00
CA PRO A 164 -10.48 1.72 11.00
C PRO A 164 -10.44 0.33 10.39
N ILE A 165 -9.68 -0.54 11.06
CA ILE A 165 -9.72 -1.96 10.76
C ILE A 165 -11.07 -2.51 11.20
N LEU A 166 -11.69 -3.31 10.34
CA LEU A 166 -12.99 -3.89 10.61
C LEU A 166 -12.83 -5.31 11.16
N SER A 167 -13.86 -5.77 11.87
CA SER A 167 -13.83 -7.12 12.42
C SER A 167 -13.75 -8.15 11.29
N ASP A 168 -13.14 -9.30 11.60
CA ASP A 168 -13.09 -10.38 10.61
C ASP A 168 -14.49 -10.82 10.22
N SER A 169 -15.42 -10.85 11.16
CA SER A 169 -16.77 -11.28 10.82
C SER A 169 -17.44 -10.31 9.85
N SER A 170 -17.27 -9.00 10.04
CA SER A 170 -17.87 -8.07 9.08
C SER A 170 -17.18 -8.16 7.72
N CYS A 171 -15.87 -8.37 7.72
CA CYS A 171 -15.15 -8.52 6.46
C CYS A 171 -15.65 -9.73 5.70
N LYS A 172 -15.78 -10.87 6.38
CA LYS A 172 -16.26 -12.08 5.73
C LYS A 172 -17.72 -11.97 5.29
N SER A 173 -18.54 -11.25 6.06
N SER A 173 -18.54 -11.24 6.05
CA SER A 173 -19.92 -11.04 5.64
CA SER A 173 -19.93 -11.05 5.63
C SER A 173 -20.00 -10.16 4.39
C SER A 173 -20.02 -10.13 4.42
N ALA A 174 -19.07 -9.21 4.27
CA ALA A 174 -19.05 -8.34 3.10
C ALA A 174 -18.60 -9.09 1.85
N TYR A 175 -17.69 -10.05 2.01
CA TYR A 175 -17.08 -10.77 0.89
C TYR A 175 -17.13 -12.26 1.16
N PRO A 176 -18.32 -12.86 1.17
CA PRO A 176 -18.44 -14.28 1.52
C PRO A 176 -17.58 -15.16 0.62
N GLY A 177 -16.85 -16.08 1.23
CA GLY A 177 -16.05 -17.04 0.50
C GLY A 177 -14.77 -16.50 -0.11
N GLN A 178 -14.36 -15.27 0.22
CA GLN A 178 -13.22 -14.65 -0.44
C GLN A 178 -12.12 -14.10 0.48
N ILE A 179 -12.34 -14.05 1.79
CA ILE A 179 -11.37 -13.46 2.71
C ILE A 179 -10.54 -14.58 3.33
N THR A 180 -9.24 -14.53 3.11
CA THR A 180 -8.33 -15.48 3.75
C THR A 180 -7.72 -14.87 5.01
N SER A 181 -7.00 -15.70 5.76
N SER A 181 -7.00 -15.70 5.76
CA SER A 181 -6.31 -15.25 6.96
CA SER A 181 -6.29 -15.25 6.96
C SER A 181 -5.17 -14.27 6.65
C SER A 181 -5.17 -14.27 6.65
N ASN A 182 -4.85 -14.05 5.37
CA ASN A 182 -3.81 -13.12 4.96
C ASN A 182 -4.38 -11.80 4.46
N MET A 183 -5.65 -11.53 4.77
CA MET A 183 -6.34 -10.32 4.36
C MET A 183 -7.08 -9.73 5.55
N PHE A 184 -7.27 -8.41 5.54
CA PHE A 184 -8.19 -7.77 6.47
C PHE A 184 -8.91 -6.65 5.74
N CYS A 185 -10.07 -6.29 6.28
CA CYS A 185 -10.83 -5.18 5.74
C CYS A 185 -10.61 -3.94 6.59
N ALA A 186 -10.62 -2.78 5.94
CA ALA A 186 -10.57 -1.50 6.64
C ALA A 186 -11.43 -0.52 5.85
N GLY A 187 -12.04 0.42 6.56
CA GLY A 187 -12.90 1.37 5.89
C GLY A 187 -14.23 1.53 6.58
N TYR A 188 -15.28 1.69 5.77
CA TYR A 188 -16.58 2.12 6.24
C TYR A 188 -17.66 1.35 5.50
N LEU A 189 -18.46 0.58 6.24
CA LEU A 189 -19.53 -0.18 5.60
C LEU A 189 -20.58 0.72 4.96
N GLU A 190 -20.72 1.96 5.42
CA GLU A 190 -21.66 2.89 4.82
C GLU A 190 -21.20 3.39 3.45
N GLY A 191 -19.96 3.10 3.07
CA GLY A 191 -19.43 3.60 1.80
C GLY A 191 -18.89 5.01 1.93
N GLY A 192 -18.49 5.56 0.78
CA GLY A 192 -18.08 6.93 0.68
C GLY A 192 -16.59 7.20 0.88
N LYS A 193 -15.87 6.32 1.57
N LYS A 193 -15.87 6.32 1.56
CA LYS A 193 -14.46 6.52 1.89
CA LYS A 193 -14.47 6.52 1.90
C LYS A 193 -13.74 5.21 1.71
C LYS A 193 -13.74 5.20 1.70
N ASP A 194 -12.72 5.18 0.84
CA ASP A 194 -12.05 3.92 0.50
C ASP A 194 -10.80 4.23 -0.30
N SER A 195 -9.97 3.20 -0.48
CA SER A 195 -8.93 3.22 -1.50
C SER A 195 -9.54 2.73 -2.83
N CYS A 196 -8.78 2.86 -3.91
CA CYS A 196 -9.33 2.64 -5.25
C CYS A 196 -8.22 2.28 -6.23
N GLN A 197 -8.61 2.05 -7.48
CA GLN A 197 -7.64 1.78 -8.55
C GLN A 197 -6.55 2.83 -8.56
N GLY A 198 -5.29 2.39 -8.66
CA GLY A 198 -4.15 3.28 -8.63
C GLY A 198 -3.54 3.46 -7.25
N ASP A 199 -4.28 3.13 -6.19
CA ASP A 199 -3.75 3.08 -4.83
C ASP A 199 -3.08 1.75 -4.53
N SER A 200 -3.35 0.73 -5.36
CA SER A 200 -2.75 -0.60 -5.28
C SER A 200 -1.30 -0.55 -4.86
N GLY A 201 -0.97 -1.40 -3.88
CA GLY A 201 0.40 -1.53 -3.43
C GLY A 201 0.82 -0.56 -2.35
N GLY A 202 0.02 0.46 -2.09
CA GLY A 202 0.37 1.47 -1.12
C GLY A 202 0.14 1.03 0.30
N PRO A 203 0.55 1.90 1.22
CA PRO A 203 0.57 1.56 2.65
C PRO A 203 -0.75 1.72 3.37
N VAL A 204 -0.92 0.86 4.37
CA VAL A 204 -1.86 1.02 5.47
C VAL A 204 -1.00 1.02 6.73
N VAL A 205 -0.91 2.17 7.40
CA VAL A 205 -0.05 2.34 8.56
C VAL A 205 -0.91 2.54 9.80
N CYS A 206 -0.62 1.74 10.82
CA CYS A 206 -1.33 1.79 12.09
C CYS A 206 -0.28 1.78 13.19
N SER A 207 -0.42 2.69 14.15
N SER A 207 -0.43 2.67 14.17
CA SER A 207 0.51 2.78 15.27
CA SER A 207 0.53 2.78 15.27
C SER A 207 1.97 2.79 14.77
C SER A 207 1.97 2.79 14.77
N GLY A 208 2.22 3.55 13.71
CA GLY A 208 3.56 3.71 13.20
C GLY A 208 4.18 2.51 12.54
N LYS A 209 3.40 1.48 12.19
CA LYS A 209 3.89 0.29 11.52
C LYS A 209 3.11 0.02 10.25
N LEU A 210 3.78 -0.61 9.28
CA LEU A 210 3.14 -1.02 8.04
C LEU A 210 2.34 -2.29 8.28
N GLN A 211 1.03 -2.16 8.44
CA GLN A 211 0.17 -3.30 8.73
C GLN A 211 -0.56 -3.82 7.50
N GLY A 212 -0.74 -3.00 6.47
CA GLY A 212 -1.48 -3.43 5.31
C GLY A 212 -0.89 -2.91 4.01
N ILE A 213 -1.28 -3.57 2.93
CA ILE A 213 -0.99 -3.15 1.56
C ILE A 213 -2.33 -3.06 0.83
N VAL A 214 -2.54 -1.96 0.10
CA VAL A 214 -3.76 -1.81 -0.71
C VAL A 214 -3.83 -2.96 -1.71
N SER A 215 -4.88 -3.77 -1.63
CA SER A 215 -4.99 -4.99 -2.42
C SER A 215 -6.21 -4.95 -3.34
N TRP A 216 -7.44 -5.08 -2.84
CA TRP A 216 -8.59 -5.21 -3.72
C TRP A 216 -9.87 -4.79 -3.00
N GLY A 217 -10.94 -4.70 -3.78
CA GLY A 217 -12.28 -4.50 -3.27
C GLY A 217 -13.25 -4.61 -4.43
N SER A 218 -14.53 -4.56 -4.13
N SER A 218 -14.54 -4.55 -4.12
CA SER A 218 -15.56 -4.58 -5.18
CA SER A 218 -15.58 -4.56 -5.14
C SER A 218 -15.96 -3.13 -5.44
C SER A 218 -15.95 -3.11 -5.42
N GLY A 219 -15.38 -2.55 -6.48
CA GLY A 219 -15.54 -1.14 -6.71
C GLY A 219 -14.81 -0.40 -5.60
N CYS A 220 -15.11 0.90 -5.50
CA CYS A 220 -14.49 1.78 -4.50
C CYS A 220 -15.58 2.53 -3.78
N ALA A 221 -15.53 2.49 -2.44
CA ALA A 221 -16.39 3.29 -1.60
C ALA A 221 -17.87 2.91 -1.73
N GLN A 222 -18.14 1.69 -2.18
CA GLN A 222 -19.51 1.19 -2.26
C GLN A 222 -19.99 0.68 -0.90
N LYS A 223 -21.29 0.80 -0.68
CA LYS A 223 -21.87 0.32 0.57
C LYS A 223 -21.62 -1.18 0.74
N ASN A 224 -21.24 -1.56 1.95
CA ASN A 224 -21.03 -2.96 2.33
C ASN A 224 -19.90 -3.63 1.57
N LYS A 225 -18.99 -2.85 0.98
CA LYS A 225 -17.86 -3.38 0.22
C LYS A 225 -16.62 -2.57 0.59
N PRO A 226 -16.10 -2.78 1.79
CA PRO A 226 -14.90 -2.04 2.21
C PRO A 226 -13.66 -2.55 1.50
N GLY A 227 -12.58 -1.81 1.65
CA GLY A 227 -11.32 -2.23 1.08
C GLY A 227 -10.76 -3.46 1.77
N VAL A 228 -10.05 -4.27 0.98
CA VAL A 228 -9.37 -5.46 1.46
C VAL A 228 -7.88 -5.27 1.28
N TYR A 229 -7.11 -5.60 2.32
CA TYR A 229 -5.70 -5.27 2.44
C TYR A 229 -4.90 -6.50 2.81
N THR A 230 -3.71 -6.62 2.24
CA THR A 230 -2.80 -7.70 2.62
C THR A 230 -2.34 -7.52 4.05
N LYS A 231 -2.37 -8.60 4.83
N LYS A 231 -2.38 -8.60 4.82
CA LYS A 231 -2.07 -8.56 6.26
CA LYS A 231 -2.05 -8.58 6.25
C LYS A 231 -0.56 -8.73 6.45
C LYS A 231 -0.54 -8.74 6.41
N VAL A 232 0.15 -7.60 6.49
CA VAL A 232 1.62 -7.60 6.45
C VAL A 232 2.23 -8.37 7.61
N CYS A 233 1.59 -8.38 8.78
CA CYS A 233 2.21 -9.04 9.92
C CYS A 233 2.47 -10.53 9.66
N ASN A 234 1.72 -11.14 8.75
CA ASN A 234 1.93 -12.55 8.42
C ASN A 234 3.17 -12.78 7.56
N TYR A 235 3.79 -11.72 7.04
CA TYR A 235 4.87 -11.82 6.07
C TYR A 235 6.21 -11.34 6.59
N VAL A 236 6.30 -10.93 7.86
CA VAL A 236 7.52 -10.30 8.34
C VAL A 236 8.71 -11.27 8.28
N SER A 237 8.49 -12.54 8.62
N SER A 237 8.49 -12.54 8.62
CA SER A 237 9.60 -13.50 8.54
CA SER A 237 9.59 -13.50 8.54
C SER A 237 10.08 -13.65 7.10
C SER A 237 10.09 -13.65 7.11
N TRP A 238 9.15 -13.76 6.14
CA TRP A 238 9.54 -13.85 4.74
C TRP A 238 10.29 -12.60 4.29
N ILE A 239 9.79 -11.42 4.67
CA ILE A 239 10.46 -10.18 4.26
C ILE A 239 11.88 -10.16 4.82
N LYS A 240 12.03 -10.42 6.11
CA LYS A 240 13.35 -10.33 6.74
C LYS A 240 14.32 -11.33 6.14
N GLN A 241 13.87 -12.57 5.92
CA GLN A 241 14.77 -13.57 5.35
C GLN A 241 15.14 -13.23 3.91
N THR A 242 14.18 -12.71 3.15
CA THR A 242 14.43 -12.38 1.76
C THR A 242 15.42 -11.23 1.65
N ILE A 243 15.24 -10.17 2.44
CA ILE A 243 16.17 -9.05 2.33
C ILE A 243 17.54 -9.39 2.89
N ALA A 244 17.64 -10.38 3.77
CA ALA A 244 18.94 -10.79 4.26
C ALA A 244 19.75 -11.56 3.24
N SER A 245 19.15 -11.98 2.13
CA SER A 245 19.79 -12.87 1.17
C SER A 245 19.75 -12.31 -0.26
N ASN A 246 19.31 -11.08 -0.44
CA ASN A 246 19.18 -10.47 -1.76
C ASN A 246 19.56 -9.00 -1.72
CA CA B . 7.10 15.40 -8.06
S DMS C . 7.43 14.58 -13.36
O DMS C . 8.40 13.80 -12.54
C1 DMS C . 8.37 15.34 -14.72
C2 DMS C . 6.44 13.45 -14.36
S DMS D . 14.09 20.13 -13.41
O DMS D . 13.15 20.77 -12.43
C1 DMS D . 15.62 19.71 -12.53
C2 DMS D . 13.52 18.44 -13.72
C4 M6Q E . -7.81 -8.64 -9.49
C5 M6Q E . -8.02 -8.92 -10.82
C6 M6Q E . -9.24 -8.61 -11.41
N1 M6Q E . -8.49 -4.76 -8.70
C7 M6Q E . -10.24 -8.02 -10.65
C8 M6Q E . -9.62 -4.92 -7.98
N2 M6Q E . -7.08 -2.66 -6.27
C9 M6Q E . -7.27 -4.27 -8.06
C10 M6Q E . -7.49 -2.86 -7.52
C11 M6Q E . -7.24 -1.36 -5.63
C12 M6Q E . -8.58 -1.23 -4.96
N3 M6Q E . -11.08 -1.08 -3.72
C13 M6Q E . -9.76 -1.36 -5.69
C14 M6Q E . -10.96 -1.28 -5.04
C15 M6Q E . -9.95 -0.94 -3.00
N4 M6Q E . -10.09 -0.71 -1.68
N M6Q E . -12.02 -4.70 -8.18
C M6Q E . -10.86 -5.45 -8.68
O M6Q E . -8.02 -2.00 -8.21
C1 M6Q E . -11.08 -6.95 -8.54
C16 M6Q E . -8.68 -1.01 -3.59
C17 M6Q E . -6.25 -4.23 -9.21
C18 M6Q E . -6.79 -5.21 -10.23
C19 M6Q E . -8.29 -5.06 -10.13
C2 M6Q E . -10.03 -7.71 -9.31
C3 M6Q E . -8.81 -8.05 -8.74
O1 M6Q E . -9.66 -4.67 -6.79
S SO4 F . 3.49 -3.36 16.56
O1 SO4 F . 4.89 -3.22 16.94
O2 SO4 F . 3.40 -4.11 15.32
O3 SO4 F . 2.78 -4.10 17.60
O4 SO4 F . 2.85 -2.04 16.40
#